data_8D20
#
_entry.id   8D20
#
_cell.length_a   84.322
_cell.length_b   84.322
_cell.length_c   291.748
_cell.angle_alpha   90.00
_cell.angle_beta   90.00
_cell.angle_gamma   120.00
#
_symmetry.space_group_name_H-M   'P 65 2 2'
#
loop_
_entity.id
_entity.type
_entity.pdbx_description
1 polymer 'Chaperone DnaK'
2 non-polymer "5'-DEOXY-5'-METHYLTHIOADENOSINE"
3 non-polymer 'SULFATE ION'
4 water water
#
_entity_poly.entity_id   1
_entity_poly.type   'polypeptide(L)'
_entity_poly.pdbx_seq_one_letter_code
;MHHHHHHSSGRENLYFQGIEGPVIGIDLGTTYSCVGVFKNGRVEILNNELGNRITPSYVSFVDGERKVGEAAKLEATLHP
TQTVFDVKRLIGRKFDDQEVVKDRSLLPYEIVNNQGKPNIKVQIKDKDTTFAPEQISAMVLEKMKEIAQSFLGKPVKNAV
VTVPAYFNDAQRQATKDAGTIAGLNIVRIINEPTAAALAYGLDKKEETSILVYDLGGGTFDVSILVIDNGVFEVYATAGN
THLGGEDFDQRVMDYFIKMFKKKNNIDLRTDKRAIQKLRKEVEIAKRNLSVVHSTQIEIEDIVEGHNFSETLTRAKFEEL
NDDLFRETLEPVKKVLDDAKYEKSKIDEIVLVGGSTRIPKIQQIIKEFFNGKEPNRGINPDEAVAYGAAIQAGIILG
;
_entity_poly.pdbx_strand_id   A
#
loop_
_chem_comp.id
_chem_comp.type
_chem_comp.name
_chem_comp.formula
MTA non-polymer 5'-DEOXY-5'-METHYLTHIOADENOSINE 'C11 H15 N5 O3 S'
SO4 non-polymer 'SULFATE ION' 'O4 S -2'
#
# COMPACT_ATOMS: atom_id res chain seq x y z
N GLY A 21 13.17 24.45 10.71
CA GLY A 21 11.81 23.92 10.95
C GLY A 21 11.89 22.42 11.07
N PRO A 22 10.75 21.78 11.40
CA PRO A 22 10.69 20.31 11.39
C PRO A 22 10.74 19.70 9.98
N VAL A 23 11.16 18.46 9.95
CA VAL A 23 11.14 17.64 8.73
C VAL A 23 10.43 16.35 9.10
N ILE A 24 9.31 16.06 8.45
CA ILE A 24 8.52 14.83 8.74
C ILE A 24 8.82 13.78 7.68
N GLY A 25 8.40 12.57 7.94
CA GLY A 25 8.64 11.46 7.02
C GLY A 25 7.29 10.92 6.59
N ILE A 26 7.08 10.77 5.28
CA ILE A 26 5.80 10.27 4.75
C ILE A 26 6.02 9.11 3.79
N ASP A 27 5.33 8.00 4.05
CA ASP A 27 5.22 6.85 3.14
C ASP A 27 3.96 7.12 2.32
N LEU A 28 4.17 7.48 1.07
CA LEU A 28 3.09 7.65 0.08
C LEU A 28 2.98 6.33 -0.66
N GLY A 29 2.15 5.43 -0.13
CA GLY A 29 1.89 4.08 -0.66
C GLY A 29 0.91 4.15 -1.82
N THR A 30 0.70 3.04 -2.47
CA THR A 30 -0.37 2.96 -3.48
C THR A 30 -1.74 3.05 -2.80
N THR A 31 -2.01 2.24 -1.79
CA THR A 31 -3.38 2.13 -1.18
C THR A 31 -3.50 3.07 0.04
N TYR A 32 -2.39 3.54 0.60
CA TYR A 32 -2.39 4.17 1.93
C TYR A 32 -1.22 5.15 2.03
N SER A 33 -1.28 6.02 3.01
CA SER A 33 -0.11 6.80 3.45
C SER A 33 0.02 6.69 4.97
N CYS A 34 1.20 7.03 5.43
CA CYS A 34 1.60 6.92 6.85
C CYS A 34 2.63 8.00 7.10
N VAL A 35 2.49 8.70 8.24
CA VAL A 35 3.34 9.86 8.55
C VAL A 35 3.95 9.62 9.93
N GLY A 36 5.25 9.89 9.99
CA GLY A 36 5.99 9.86 11.25
C GLY A 36 6.78 11.13 11.41
N VAL A 37 7.13 11.42 12.67
CA VAL A 37 7.98 12.56 13.09
C VAL A 37 9.11 11.97 13.96
N PHE A 38 10.23 12.65 13.99
CA PHE A 38 11.41 12.36 14.83
C PHE A 38 11.49 13.47 15.87
N LYS A 39 11.19 13.14 17.12
CA LYS A 39 11.13 14.16 18.19
C LYS A 39 11.62 13.56 19.51
N ASN A 40 12.53 14.27 20.18
CA ASN A 40 13.10 13.83 21.49
C ASN A 40 13.73 12.45 21.32
N GLY A 41 14.42 12.24 20.19
CA GLY A 41 15.12 11.02 19.83
C GLY A 41 14.21 9.82 19.60
N ARG A 42 12.90 10.00 19.40
CA ARG A 42 12.09 8.83 18.95
C ARG A 42 11.26 9.15 17.72
N VAL A 43 11.00 8.12 16.93
CA VAL A 43 10.03 8.16 15.80
C VAL A 43 8.65 7.97 16.37
N GLU A 44 7.73 8.85 16.06
CA GLU A 44 6.31 8.59 16.40
C GLU A 44 5.56 8.49 15.07
N ILE A 45 4.93 7.37 14.84
CA ILE A 45 3.99 7.20 13.68
C ILE A 45 2.68 7.78 14.20
N LEU A 46 2.12 8.76 13.52
CA LEU A 46 1.00 9.55 14.07
C LEU A 46 -0.36 8.99 13.63
N ASN A 47 -1.35 9.14 14.50
CA ASN A 47 -2.77 8.76 14.25
C ASN A 47 -3.41 9.86 13.43
N ASN A 48 -4.29 9.48 12.49
CA ASN A 48 -5.19 10.45 11.82
C ASN A 48 -6.33 10.77 12.80
N GLU A 49 -7.28 11.62 12.41
CA GLU A 49 -8.45 12.04 13.22
C GLU A 49 -9.29 10.82 13.64
N LEU A 50 -9.33 9.73 12.86
CA LEU A 50 -10.10 8.52 13.24
C LEU A 50 -9.27 7.60 14.15
N GLY A 51 -8.05 8.00 14.53
CA GLY A 51 -7.19 7.23 15.46
C GLY A 51 -6.40 6.12 14.80
N ASN A 52 -6.12 6.21 13.48
CA ASN A 52 -5.46 5.13 12.72
C ASN A 52 -4.12 5.65 12.20
N ARG A 53 -3.13 4.76 12.19
CA ARG A 53 -1.75 5.12 11.75
C ARG A 53 -1.63 4.96 10.24
N ILE A 54 -2.55 4.22 9.63
CA ILE A 54 -2.65 4.03 8.15
C ILE A 54 -3.86 4.83 7.62
N THR A 55 -3.68 5.73 6.66
CA THR A 55 -4.77 6.50 6.03
C THR A 55 -4.95 5.99 4.60
N PRO A 56 -6.15 5.49 4.22
CA PRO A 56 -6.40 5.09 2.84
C PRO A 56 -6.16 6.26 1.88
N SER A 57 -5.46 6.03 0.76
CA SER A 57 -5.10 7.12 -0.16
C SER A 57 -6.25 7.31 -1.16
N TYR A 58 -7.37 7.78 -0.62
CA TYR A 58 -8.63 7.99 -1.36
C TYR A 58 -9.06 9.44 -1.22
N VAL A 59 -9.60 10.00 -2.31
CA VAL A 59 -10.20 11.35 -2.29
C VAL A 59 -11.53 11.25 -3.01
N SER A 60 -12.58 11.74 -2.37
CA SER A 60 -13.97 11.72 -2.92
C SER A 60 -14.46 13.13 -3.24
N PHE A 61 -15.17 13.24 -4.36
CA PHE A 61 -15.77 14.49 -4.87
C PHE A 61 -17.26 14.26 -5.07
N VAL A 62 -17.99 14.17 -3.96
CA VAL A 62 -19.44 13.87 -3.93
C VAL A 62 -20.18 15.06 -3.34
N ASP A 63 -21.27 15.50 -3.95
CA ASP A 63 -22.29 16.33 -3.23
C ASP A 63 -21.68 17.68 -2.81
N GLY A 64 -20.74 18.24 -3.57
CA GLY A 64 -20.09 19.49 -3.15
C GLY A 64 -19.19 19.37 -1.94
N GLU A 65 -18.75 18.18 -1.53
CA GLU A 65 -17.74 18.03 -0.43
C GLU A 65 -16.55 17.24 -0.96
N ARG A 66 -15.37 17.54 -0.47
CA ARG A 66 -14.14 16.79 -0.77
C ARG A 66 -13.74 16.07 0.50
N LYS A 67 -13.59 14.77 0.45
CA LYS A 67 -13.16 13.99 1.65
C LYS A 67 -11.84 13.34 1.31
N VAL A 68 -10.97 13.13 2.32
CA VAL A 68 -9.66 12.45 2.08
C VAL A 68 -9.56 11.37 3.16
N GLY A 69 -9.15 10.15 2.78
CA GLY A 69 -8.89 9.04 3.72
C GLY A 69 -10.05 8.08 3.79
N GLU A 70 -10.34 7.57 4.97
CA GLU A 70 -11.36 6.51 5.13
C GLU A 70 -12.74 7.02 4.71
N ALA A 71 -13.04 8.27 5.05
CA ALA A 71 -14.35 8.88 4.76
C ALA A 71 -14.56 8.94 3.23
N ALA A 72 -13.51 9.17 2.45
CA ALA A 72 -13.59 9.10 0.96
C ALA A 72 -13.75 7.65 0.54
N LYS A 73 -12.93 6.75 1.06
CA LYS A 73 -13.03 5.33 0.67
C LYS A 73 -14.46 4.83 0.85
N LEU A 74 -15.14 5.24 1.90
CA LEU A 74 -16.53 4.76 2.15
C LEU A 74 -17.46 5.22 1.01
N GLU A 75 -17.15 6.31 0.34
CA GLU A 75 -17.97 6.80 -0.79
C GLU A 75 -17.83 5.94 -2.03
N ALA A 76 -16.79 5.09 -2.14
CA ALA A 76 -16.52 4.33 -3.37
C ALA A 76 -17.72 3.42 -3.70
N THR A 77 -18.42 2.87 -2.72
CA THR A 77 -19.51 1.88 -3.00
C THR A 77 -20.64 2.55 -3.79
N LEU A 78 -21.14 3.67 -3.32
CA LEU A 78 -22.30 4.36 -3.94
C LEU A 78 -21.83 5.40 -4.94
N HIS A 79 -20.58 5.88 -4.90
CA HIS A 79 -20.06 6.89 -5.86
C HIS A 79 -18.74 6.50 -6.51
N PRO A 80 -18.69 5.36 -7.23
CA PRO A 80 -17.42 4.82 -7.73
C PRO A 80 -16.72 5.78 -8.71
N THR A 81 -17.48 6.57 -9.49
CA THR A 81 -16.83 7.45 -10.50
C THR A 81 -16.25 8.72 -9.84
N GLN A 82 -16.69 9.05 -8.64
CA GLN A 82 -16.30 10.28 -7.94
C GLN A 82 -15.26 9.97 -6.86
N THR A 83 -14.83 8.72 -6.72
CA THR A 83 -13.96 8.33 -5.59
C THR A 83 -12.61 7.87 -6.16
N VAL A 84 -11.62 8.72 -6.01
CA VAL A 84 -10.29 8.62 -6.67
C VAL A 84 -9.37 7.86 -5.71
N PHE A 85 -8.57 6.97 -6.27
CA PHE A 85 -7.59 6.20 -5.49
C PHE A 85 -6.57 5.62 -6.48
N ASP A 86 -5.51 5.00 -5.94
CA ASP A 86 -4.45 4.34 -6.74
C ASP A 86 -3.80 5.39 -7.65
N VAL A 87 -3.78 6.67 -7.27
CA VAL A 87 -3.24 7.73 -8.17
C VAL A 87 -1.73 7.53 -8.34
N LYS A 88 -1.08 6.85 -7.39
CA LYS A 88 0.36 6.52 -7.47
C LYS A 88 0.65 5.73 -8.75
N ARG A 89 -0.32 4.95 -9.23
CA ARG A 89 -0.17 4.15 -10.45
C ARG A 89 -0.03 5.09 -11.66
N LEU A 90 -0.59 6.29 -11.59
CA LEU A 90 -0.59 7.20 -12.76
C LEU A 90 0.54 8.22 -12.68
N ILE A 91 0.98 8.58 -11.49
CA ILE A 91 1.82 9.78 -11.29
C ILE A 91 3.10 9.66 -12.13
N GLY A 92 3.40 10.71 -12.91
CA GLY A 92 4.62 10.83 -13.72
C GLY A 92 4.66 9.94 -14.94
N ARG A 93 3.58 9.22 -15.26
CA ARG A 93 3.53 8.32 -16.43
C ARG A 93 2.86 9.01 -17.63
N LYS A 94 2.81 8.29 -18.75
CA LYS A 94 2.14 8.76 -19.99
C LYS A 94 0.85 7.98 -20.21
N PHE A 95 -0.13 8.65 -20.80
CA PHE A 95 -1.49 8.08 -21.00
C PHE A 95 -1.40 6.77 -21.78
N ASP A 96 -0.48 6.67 -22.75
CA ASP A 96 -0.38 5.49 -23.67
C ASP A 96 0.59 4.44 -23.12
N ASP A 97 1.25 4.67 -21.96
CA ASP A 97 2.05 3.58 -21.35
C ASP A 97 1.14 2.36 -21.12
N GLN A 98 1.68 1.17 -21.42
CA GLN A 98 0.94 -0.11 -21.31
C GLN A 98 0.36 -0.24 -19.89
N GLU A 99 1.09 0.14 -18.84
CA GLU A 99 0.58 0.02 -17.44
C GLU A 99 -0.63 0.95 -17.23
N VAL A 100 -0.64 2.15 -17.84
CA VAL A 100 -1.73 3.16 -17.60
C VAL A 100 -2.98 2.72 -18.39
N VAL A 101 -2.77 2.14 -19.57
CA VAL A 101 -3.86 1.52 -20.38
C VAL A 101 -4.56 0.46 -19.51
N LYS A 102 -3.83 -0.41 -18.83
CA LYS A 102 -4.41 -1.46 -17.96
C LYS A 102 -5.16 -0.81 -16.79
N ASP A 103 -4.55 0.17 -16.15
CA ASP A 103 -5.12 0.87 -14.98
C ASP A 103 -6.41 1.57 -15.38
N ARG A 104 -6.46 2.20 -16.55
N ARG A 104 -6.45 2.19 -16.55
CA ARG A 104 -7.69 2.87 -17.05
CA ARG A 104 -7.69 2.86 -17.05
C ARG A 104 -8.79 1.80 -17.18
C ARG A 104 -8.79 1.80 -17.17
N SER A 105 -8.49 0.60 -17.72
CA SER A 105 -9.53 -0.47 -17.80
C SER A 105 -9.94 -0.95 -16.40
N LEU A 106 -9.10 -0.83 -15.38
CA LEU A 106 -9.43 -1.32 -14.02
C LEU A 106 -10.14 -0.26 -13.18
N LEU A 107 -9.76 1.01 -13.33
CA LEU A 107 -10.17 2.07 -12.40
C LEU A 107 -11.52 2.63 -12.82
N PRO A 108 -12.44 2.90 -11.87
CA PRO A 108 -13.79 3.33 -12.24
C PRO A 108 -14.00 4.83 -12.48
N TYR A 109 -13.08 5.66 -12.04
CA TYR A 109 -13.13 7.12 -12.27
C TYR A 109 -12.49 7.38 -13.63
N GLU A 110 -12.96 8.45 -14.28
CA GLU A 110 -12.54 8.76 -15.66
C GLU A 110 -11.10 9.26 -15.66
N ILE A 111 -10.27 8.68 -16.55
CA ILE A 111 -8.89 9.14 -16.82
C ILE A 111 -8.83 9.63 -18.26
N VAL A 112 -8.36 10.86 -18.44
CA VAL A 112 -8.31 11.59 -19.74
C VAL A 112 -6.85 11.82 -20.09
N ASN A 113 -6.64 11.99 -21.39
CA ASN A 113 -5.33 12.21 -22.01
C ASN A 113 -5.15 13.72 -22.04
N ASN A 114 -4.37 14.29 -21.14
CA ASN A 114 -4.02 15.72 -21.20
C ASN A 114 -2.62 15.85 -21.79
N GLN A 115 -2.52 16.12 -23.09
CA GLN A 115 -1.20 16.38 -23.74
C GLN A 115 -0.26 15.20 -23.47
N GLY A 116 -0.77 13.97 -23.54
CA GLY A 116 0.05 12.76 -23.43
C GLY A 116 0.13 12.20 -22.00
N LYS A 117 -0.42 12.89 -21.02
CA LYS A 117 -0.34 12.43 -19.59
C LYS A 117 -1.75 12.13 -19.04
N PRO A 118 -1.89 11.13 -18.16
CA PRO A 118 -3.18 10.78 -17.61
C PRO A 118 -3.59 11.87 -16.62
N ASN A 119 -4.81 12.36 -16.74
CA ASN A 119 -5.41 13.22 -15.71
C ASN A 119 -6.71 12.59 -15.23
N ILE A 120 -7.17 13.02 -14.06
CA ILE A 120 -8.35 12.41 -13.40
C ILE A 120 -9.50 13.39 -13.62
N LYS A 121 -10.65 12.91 -14.07
CA LYS A 121 -11.83 13.77 -14.33
C LYS A 121 -12.98 13.29 -13.46
N VAL A 122 -13.50 14.23 -12.68
CA VAL A 122 -14.64 14.03 -11.77
C VAL A 122 -15.56 15.23 -11.92
N GLN A 123 -16.65 15.20 -11.19
CA GLN A 123 -17.56 16.35 -11.09
C GLN A 123 -17.56 16.92 -9.70
N ILE A 124 -17.52 18.25 -9.62
CA ILE A 124 -17.72 18.98 -8.34
C ILE A 124 -18.96 19.86 -8.55
N LYS A 125 -20.04 19.60 -7.84
CA LYS A 125 -21.35 20.33 -8.07
C LYS A 125 -21.69 20.26 -9.56
N ASP A 126 -21.51 19.07 -10.15
CA ASP A 126 -21.90 18.68 -11.53
C ASP A 126 -20.95 19.24 -12.58
N LYS A 127 -19.98 20.06 -12.20
CA LYS A 127 -19.01 20.66 -13.15
C LYS A 127 -17.83 19.70 -13.37
N ASP A 128 -17.49 19.45 -14.61
CA ASP A 128 -16.33 18.63 -15.00
C ASP A 128 -15.08 19.34 -14.45
N THR A 129 -14.26 18.61 -13.71
CA THR A 129 -13.01 19.12 -13.13
C THR A 129 -11.95 18.08 -13.36
N THR A 130 -10.84 18.52 -13.90
CA THR A 130 -9.72 17.63 -14.25
C THR A 130 -8.56 17.97 -13.30
N PHE A 131 -7.91 16.95 -12.78
CA PHE A 131 -6.73 17.02 -11.90
C PHE A 131 -5.58 16.18 -12.46
N ALA A 132 -4.38 16.73 -12.32
CA ALA A 132 -3.15 15.97 -12.51
C ALA A 132 -3.07 14.99 -11.33
N PRO A 133 -2.42 13.84 -11.50
CA PRO A 133 -2.18 12.94 -10.36
C PRO A 133 -1.56 13.64 -9.14
N GLU A 134 -0.57 14.53 -9.37
CA GLU A 134 0.16 15.24 -8.30
C GLU A 134 -0.81 16.15 -7.55
N GLN A 135 -1.89 16.63 -8.17
CA GLN A 135 -2.91 17.42 -7.47
C GLN A 135 -3.67 16.53 -6.47
N ILE A 136 -3.94 15.28 -6.83
CA ILE A 136 -4.65 14.36 -5.90
C ILE A 136 -3.65 13.88 -4.83
N SER A 137 -2.43 13.51 -5.23
CA SER A 137 -1.41 13.15 -4.22
C SER A 137 -1.14 14.29 -3.25
N ALA A 138 -1.16 15.53 -3.72
CA ALA A 138 -1.02 16.73 -2.85
C ALA A 138 -2.10 16.75 -1.75
N MET A 139 -3.32 16.31 -2.06
CA MET A 139 -4.40 16.37 -1.05
C MET A 139 -4.10 15.35 0.05
N VAL A 140 -3.52 14.23 -0.32
CA VAL A 140 -3.07 13.18 0.64
C VAL A 140 -1.94 13.74 1.49
N LEU A 141 -0.97 14.38 0.86
CA LEU A 141 0.19 14.99 1.56
C LEU A 141 -0.29 16.10 2.48
N GLU A 142 -1.29 16.90 2.07
CA GLU A 142 -1.81 18.00 2.91
C GLU A 142 -2.36 17.37 4.20
N LYS A 143 -3.10 16.28 4.12
CA LYS A 143 -3.73 15.63 5.30
C LYS A 143 -2.61 15.11 6.21
N MET A 144 -1.57 14.53 5.66
CA MET A 144 -0.44 14.00 6.48
C MET A 144 0.28 15.17 7.17
N LYS A 145 0.42 16.28 6.45
CA LYS A 145 1.09 17.51 6.94
C LYS A 145 0.31 18.05 8.14
N GLU A 146 -1.00 18.09 8.02
CA GLU A 146 -1.92 18.62 9.08
C GLU A 146 -1.84 17.70 10.31
N ILE A 147 -1.76 16.38 10.14
CA ILE A 147 -1.59 15.47 11.29
C ILE A 147 -0.30 15.88 12.01
N ALA A 148 0.81 16.02 11.27
CA ALA A 148 2.11 16.37 11.87
C ALA A 148 2.04 17.72 12.57
N GLN A 149 1.43 18.71 11.93
CA GLN A 149 1.33 20.10 12.48
C GLN A 149 0.55 20.08 13.80
N SER A 150 -0.54 19.34 13.87
CA SER A 150 -1.39 19.27 15.06
C SER A 150 -0.59 18.63 16.18
N PHE A 151 0.19 17.60 15.86
CA PHE A 151 0.96 16.82 16.87
C PHE A 151 2.13 17.66 17.35
N LEU A 152 2.85 18.28 16.43
CA LEU A 152 4.07 19.05 16.76
C LEU A 152 3.68 20.43 17.30
N GLY A 153 2.41 20.82 17.15
CA GLY A 153 1.95 22.20 17.42
C GLY A 153 2.84 23.25 16.79
N LYS A 154 3.26 23.05 15.53
CA LYS A 154 3.91 24.13 14.76
C LYS A 154 3.81 23.81 13.26
N PRO A 155 3.96 24.81 12.38
CA PRO A 155 3.86 24.58 10.95
C PRO A 155 4.97 23.63 10.46
N VAL A 156 4.64 22.84 9.44
CA VAL A 156 5.57 21.89 8.78
C VAL A 156 5.69 22.30 7.32
N LYS A 157 6.92 22.48 6.85
CA LYS A 157 7.15 22.95 5.46
C LYS A 157 8.07 21.97 4.73
N ASN A 158 8.59 20.94 5.39
CA ASN A 158 9.65 20.06 4.81
C ASN A 158 9.36 18.60 5.16
N ALA A 159 9.65 17.68 4.24
CA ALA A 159 9.39 16.24 4.42
C ALA A 159 10.40 15.45 3.63
N VAL A 160 10.62 14.22 4.11
CA VAL A 160 11.22 13.10 3.36
C VAL A 160 10.03 12.28 2.90
N VAL A 161 9.97 11.98 1.61
CA VAL A 161 8.86 11.16 1.08
C VAL A 161 9.46 9.97 0.36
N THR A 162 8.79 8.84 0.48
CA THR A 162 9.21 7.56 -0.12
C THR A 162 8.69 7.43 -1.55
N VAL A 163 9.47 6.78 -2.38
CA VAL A 163 9.02 6.22 -3.69
C VAL A 163 9.47 4.79 -3.86
N PRO A 164 8.82 4.05 -4.76
CA PRO A 164 9.35 2.77 -5.16
C PRO A 164 10.72 2.92 -5.82
N ALA A 165 11.60 1.92 -5.62
CA ALA A 165 12.94 1.90 -6.20
C ALA A 165 12.83 1.95 -7.73
N TYR A 166 11.76 1.45 -8.34
CA TYR A 166 11.64 1.43 -9.83
C TYR A 166 11.17 2.79 -10.35
N PHE A 167 10.80 3.76 -9.49
CA PHE A 167 10.35 5.09 -9.98
C PHE A 167 11.46 5.77 -10.79
N ASN A 168 11.10 6.36 -11.94
CA ASN A 168 12.05 7.06 -12.85
C ASN A 168 12.08 8.53 -12.43
N ASP A 169 12.84 9.36 -13.13
CA ASP A 169 12.99 10.76 -12.75
C ASP A 169 11.64 11.49 -12.87
N ALA A 170 10.82 11.17 -13.86
CA ALA A 170 9.53 11.88 -14.02
C ALA A 170 8.58 11.54 -12.88
N GLN A 171 8.58 10.29 -12.44
CA GLN A 171 7.73 9.82 -11.32
C GLN A 171 8.21 10.47 -10.01
N ARG A 172 9.51 10.54 -9.77
CA ARG A 172 10.06 11.27 -8.60
C ARG A 172 9.71 12.74 -8.67
N GLN A 173 9.88 13.38 -9.83
CA GLN A 173 9.66 14.84 -9.90
C GLN A 173 8.17 15.10 -9.63
N ALA A 174 7.27 14.29 -10.20
CA ALA A 174 5.81 14.49 -10.05
C ALA A 174 5.46 14.34 -8.56
N THR A 175 6.17 13.46 -7.86
CA THR A 175 5.98 13.32 -6.39
C THR A 175 6.47 14.59 -5.71
N LYS A 176 7.66 15.08 -6.04
CA LYS A 176 8.10 16.35 -5.47
C LYS A 176 7.08 17.46 -5.79
N ASP A 177 6.52 17.49 -7.00
CA ASP A 177 5.53 18.53 -7.39
C ASP A 177 4.28 18.38 -6.52
N ALA A 178 3.89 17.16 -6.17
CA ALA A 178 2.77 16.93 -5.24
C ALA A 178 3.10 17.58 -3.89
N GLY A 179 4.34 17.39 -3.42
CA GLY A 179 4.79 18.07 -2.19
C GLY A 179 4.68 19.58 -2.29
N THR A 180 5.21 20.18 -3.34
CA THR A 180 5.12 21.67 -3.53
C THR A 180 3.66 22.14 -3.47
N ILE A 181 2.73 21.41 -4.09
CA ILE A 181 1.31 21.84 -4.14
C ILE A 181 0.77 21.81 -2.71
N ALA A 182 1.19 20.82 -1.94
CA ALA A 182 0.77 20.66 -0.53
C ALA A 182 1.50 21.62 0.40
N GLY A 183 2.41 22.46 -0.10
CA GLY A 183 3.23 23.35 0.75
C GLY A 183 4.32 22.58 1.50
N LEU A 184 4.77 21.45 0.96
CA LEU A 184 5.90 20.63 1.50
C LEU A 184 7.08 20.67 0.55
N ASN A 185 8.19 21.24 0.99
CA ASN A 185 9.45 21.07 0.24
C ASN A 185 9.95 19.64 0.51
N ILE A 186 9.98 18.79 -0.51
CA ILE A 186 10.50 17.41 -0.31
C ILE A 186 12.01 17.49 -0.39
N VAL A 187 12.62 17.53 0.80
CA VAL A 187 14.09 17.75 0.93
C VAL A 187 14.85 16.49 0.47
N ARG A 188 14.22 15.32 0.54
CA ARG A 188 14.83 14.07 0.06
C ARG A 188 13.72 13.08 -0.33
N ILE A 189 13.89 12.50 -1.48
CA ILE A 189 13.13 11.33 -1.96
C ILE A 189 13.99 10.13 -1.57
N ILE A 190 13.44 9.15 -0.88
CA ILE A 190 14.21 7.94 -0.49
C ILE A 190 13.45 6.77 -1.11
N ASN A 191 14.16 5.78 -1.65
CA ASN A 191 13.43 4.60 -2.13
C ASN A 191 12.89 3.78 -0.95
N GLU A 192 11.81 3.04 -1.19
CA GLU A 192 11.09 2.21 -0.18
C GLU A 192 12.06 1.17 0.41
N PRO A 193 12.96 0.52 -0.35
CA PRO A 193 13.90 -0.40 0.27
C PRO A 193 14.88 0.20 1.28
N THR A 194 15.43 1.37 0.97
CA THR A 194 16.31 2.13 1.87
C THR A 194 15.54 2.48 3.15
N ALA A 195 14.31 2.99 3.03
CA ALA A 195 13.46 3.36 4.20
C ALA A 195 13.29 2.15 5.12
N ALA A 196 13.03 0.97 4.55
CA ALA A 196 12.85 -0.27 5.31
C ALA A 196 14.16 -0.56 6.04
N ALA A 197 15.29 -0.49 5.36
CA ALA A 197 16.63 -0.79 5.92
C ALA A 197 16.95 0.20 7.06
N LEU A 198 16.55 1.46 6.96
CA LEU A 198 16.77 2.44 8.04
C LEU A 198 15.87 2.02 9.21
N ALA A 199 14.61 1.64 8.95
CA ALA A 199 13.66 1.32 10.04
C ALA A 199 14.17 0.14 10.87
N TYR A 200 14.65 -0.93 10.22
CA TYR A 200 15.16 -2.16 10.87
C TYR A 200 16.57 -1.97 11.38
N GLY A 201 17.14 -0.80 11.11
CA GLY A 201 18.43 -0.39 11.68
C GLY A 201 19.53 -1.28 11.19
N LEU A 202 19.50 -1.72 9.91
CA LEU A 202 20.43 -2.72 9.38
C LEU A 202 21.82 -2.12 9.48
N ASP A 203 22.82 -2.91 9.88
CA ASP A 203 24.20 -2.42 10.12
C ASP A 203 24.73 -1.79 8.82
N LYS A 204 25.20 -0.54 8.90
CA LYS A 204 25.67 0.23 7.72
C LYS A 204 27.15 -0.07 7.44
N LYS A 205 27.85 -0.70 8.39
CA LYS A 205 29.31 -1.02 8.28
C LYS A 205 29.47 -2.24 7.39
N GLU A 206 30.59 -2.33 6.68
CA GLU A 206 30.91 -3.47 5.80
C GLU A 206 29.84 -3.49 4.69
N GLU A 207 29.78 -4.62 3.99
CA GLU A 207 28.87 -4.86 2.86
C GLU A 207 27.85 -5.96 3.25
N THR A 208 26.57 -5.63 3.14
CA THR A 208 25.41 -6.52 3.40
C THR A 208 24.51 -6.49 2.14
N SER A 209 24.09 -7.63 1.62
CA SER A 209 23.01 -7.76 0.60
C SER A 209 21.69 -8.15 1.28
N ILE A 210 20.65 -7.36 1.09
CA ILE A 210 19.33 -7.52 1.74
C ILE A 210 18.28 -7.74 0.65
N LEU A 211 17.43 -8.73 0.84
CA LEU A 211 16.20 -8.90 0.00
C LEU A 211 15.07 -8.20 0.73
N VAL A 212 14.50 -7.14 0.16
CA VAL A 212 13.39 -6.40 0.79
C VAL A 212 12.10 -6.88 0.09
N TYR A 213 11.24 -7.60 0.80
CA TYR A 213 10.01 -8.22 0.27
C TYR A 213 8.86 -7.40 0.80
N ASP A 214 8.15 -6.67 -0.07
CA ASP A 214 7.14 -5.67 0.34
C ASP A 214 5.82 -6.07 -0.28
N LEU A 215 4.96 -6.67 0.52
CA LEU A 215 3.62 -7.10 0.04
C LEU A 215 2.59 -6.24 0.78
N GLY A 216 1.93 -5.34 0.04
CA GLY A 216 0.99 -4.35 0.59
C GLY A 216 -0.42 -4.80 0.36
N GLY A 217 -1.34 -3.84 0.27
CA GLY A 217 -2.76 -4.04 -0.01
C GLY A 217 -2.99 -4.25 -1.52
N GLY A 218 -2.26 -3.52 -2.36
CA GLY A 218 -2.51 -3.66 -3.80
C GLY A 218 -1.31 -4.11 -4.61
N THR A 219 -0.09 -4.01 -4.08
CA THR A 219 1.16 -4.14 -4.87
C THR A 219 2.18 -5.03 -4.16
N PHE A 220 3.00 -5.69 -4.95
CA PHE A 220 4.10 -6.54 -4.44
C PHE A 220 5.37 -5.98 -5.06
N ASP A 221 6.36 -5.69 -4.23
CA ASP A 221 7.68 -5.22 -4.71
C ASP A 221 8.77 -6.04 -4.03
N VAL A 222 9.77 -6.48 -4.79
CA VAL A 222 10.98 -7.08 -4.19
C VAL A 222 12.18 -6.37 -4.76
N SER A 223 13.16 -6.13 -3.91
CA SER A 223 14.42 -5.42 -4.29
C SER A 223 15.60 -6.15 -3.65
N ILE A 224 16.73 -6.14 -4.31
CA ILE A 224 18.02 -6.45 -3.65
C ILE A 224 18.68 -5.12 -3.32
N LEU A 225 18.90 -4.89 -2.05
CA LEU A 225 19.50 -3.65 -1.57
C LEU A 225 20.87 -4.02 -1.02
N VAL A 226 21.93 -3.34 -1.47
CA VAL A 226 23.24 -3.58 -0.82
C VAL A 226 23.65 -2.33 -0.08
N ILE A 227 24.06 -2.55 1.17
CA ILE A 227 24.56 -1.51 2.07
C ILE A 227 26.08 -1.70 2.12
N ASP A 228 26.82 -0.65 1.83
CA ASP A 228 28.30 -0.73 1.77
C ASP A 228 28.84 0.47 2.49
N ASN A 229 29.29 0.29 3.72
CA ASN A 229 29.91 1.40 4.48
C ASN A 229 29.00 2.63 4.42
N GLY A 230 27.70 2.46 4.67
CA GLY A 230 26.74 3.58 4.83
C GLY A 230 26.10 4.02 3.53
N VAL A 231 26.55 3.46 2.41
CA VAL A 231 26.00 3.75 1.06
C VAL A 231 25.03 2.64 0.68
N PHE A 232 23.80 3.05 0.37
CA PHE A 232 22.69 2.15 -0.01
C PHE A 232 22.51 2.17 -1.52
N GLU A 233 22.41 1.00 -2.13
CA GLU A 233 22.23 0.91 -3.60
C GLU A 233 21.27 -0.26 -3.83
N VAL A 234 20.21 0.02 -4.56
CA VAL A 234 19.29 -1.05 -5.02
C VAL A 234 19.83 -1.65 -6.33
N TYR A 235 20.31 -2.89 -6.25
CA TYR A 235 20.96 -3.61 -7.34
C TYR A 235 19.94 -4.20 -8.32
N ALA A 236 18.68 -4.35 -7.91
CA ALA A 236 17.68 -4.98 -8.80
C ALA A 236 16.33 -4.85 -8.13
N THR A 237 15.30 -4.79 -8.95
N THR A 237 15.29 -4.74 -8.96
CA THR A 237 13.91 -4.66 -8.46
CA THR A 237 13.88 -4.55 -8.55
C THR A 237 13.01 -5.41 -9.42
C THR A 237 12.96 -5.34 -9.46
N ALA A 238 11.93 -5.94 -8.89
CA ALA A 238 10.86 -6.60 -9.67
C ALA A 238 9.61 -6.64 -8.79
N GLY A 239 8.50 -6.98 -9.37
CA GLY A 239 7.29 -7.12 -8.55
C GLY A 239 6.09 -7.46 -9.38
N ASN A 240 4.94 -7.24 -8.79
CA ASN A 240 3.64 -7.50 -9.41
C ASN A 240 2.76 -6.33 -9.00
N THR A 241 2.39 -5.51 -9.97
CA THR A 241 1.70 -4.22 -9.72
C THR A 241 0.28 -4.50 -9.24
N HIS A 242 -0.28 -5.70 -9.47
CA HIS A 242 -1.70 -6.02 -9.14
C HIS A 242 -1.77 -7.29 -8.31
N LEU A 243 -1.00 -7.33 -7.24
CA LEU A 243 -0.97 -8.49 -6.30
C LEU A 243 -0.72 -7.95 -4.89
N GLY A 244 -1.73 -8.02 -4.04
CA GLY A 244 -1.63 -7.67 -2.62
C GLY A 244 -2.79 -8.23 -1.82
N GLY A 245 -2.88 -7.80 -0.56
CA GLY A 245 -3.87 -8.33 0.39
C GLY A 245 -5.29 -8.14 -0.13
N GLU A 246 -5.58 -7.08 -0.93
CA GLU A 246 -6.96 -6.89 -1.48
C GLU A 246 -7.34 -8.07 -2.39
N ASP A 247 -6.36 -8.62 -3.13
CA ASP A 247 -6.59 -9.80 -4.01
C ASP A 247 -6.90 -11.05 -3.16
N PHE A 248 -6.24 -11.21 -2.00
CA PHE A 248 -6.49 -12.39 -1.09
C PHE A 248 -7.91 -12.27 -0.56
N ASP A 249 -8.33 -11.05 -0.23
CA ASP A 249 -9.70 -10.77 0.25
C ASP A 249 -10.67 -11.12 -0.88
N GLN A 250 -10.40 -10.69 -2.10
CA GLN A 250 -11.33 -10.97 -3.21
C GLN A 250 -11.47 -12.49 -3.41
N ARG A 251 -10.40 -13.29 -3.28
CA ARG A 251 -10.51 -14.74 -3.43
C ARG A 251 -11.47 -15.32 -2.41
N VAL A 252 -11.42 -14.79 -1.20
CA VAL A 252 -12.33 -15.23 -0.11
C VAL A 252 -13.77 -14.79 -0.43
N MET A 253 -13.94 -13.53 -0.84
N MET A 253 -13.97 -13.56 -0.87
CA MET A 253 -15.24 -12.95 -1.26
CA MET A 253 -15.33 -13.07 -1.18
C MET A 253 -15.86 -13.90 -2.30
C MET A 253 -15.90 -13.89 -2.34
N ASP A 254 -15.08 -14.21 -3.35
CA ASP A 254 -15.56 -15.04 -4.50
C ASP A 254 -16.11 -16.37 -3.99
N TYR A 255 -15.39 -17.03 -3.10
CA TYR A 255 -15.80 -18.31 -2.51
C TYR A 255 -17.13 -18.18 -1.73
N PHE A 256 -17.23 -17.24 -0.79
CA PHE A 256 -18.45 -17.12 0.06
C PHE A 256 -19.62 -16.58 -0.76
N ILE A 257 -19.39 -15.76 -1.77
CA ILE A 257 -20.49 -15.37 -2.69
C ILE A 257 -21.07 -16.61 -3.39
N LYS A 258 -20.23 -17.50 -3.90
CA LYS A 258 -20.71 -18.74 -4.54
C LYS A 258 -21.47 -19.56 -3.49
N MET A 259 -20.95 -19.65 -2.26
CA MET A 259 -21.57 -20.53 -1.26
C MET A 259 -22.97 -19.95 -0.91
N PHE A 260 -23.06 -18.64 -0.73
CA PHE A 260 -24.28 -18.00 -0.23
C PHE A 260 -25.37 -18.18 -1.28
N LYS A 261 -24.98 -18.12 -2.55
CA LYS A 261 -25.85 -18.40 -3.73
C LYS A 261 -26.34 -19.86 -3.69
N LYS A 262 -25.45 -20.82 -3.48
CA LYS A 262 -25.82 -22.25 -3.41
C LYS A 262 -26.85 -22.44 -2.32
N LYS A 263 -26.60 -21.88 -1.14
CA LYS A 263 -27.44 -22.13 0.05
C LYS A 263 -28.73 -21.32 0.03
N ASN A 264 -28.70 -20.09 -0.46
CA ASN A 264 -29.82 -19.15 -0.19
C ASN A 264 -30.46 -18.65 -1.49
N ASN A 265 -29.97 -19.01 -2.68
CA ASN A 265 -30.52 -18.45 -3.96
C ASN A 265 -30.43 -16.92 -3.97
N ILE A 266 -29.42 -16.39 -3.28
CA ILE A 266 -29.10 -14.94 -3.28
C ILE A 266 -27.68 -14.75 -3.82
N ASP A 267 -27.57 -13.96 -4.88
CA ASP A 267 -26.26 -13.55 -5.43
C ASP A 267 -25.91 -12.22 -4.79
N LEU A 268 -24.96 -12.20 -3.85
CA LEU A 268 -24.69 -10.97 -3.10
C LEU A 268 -24.11 -9.88 -4.01
N ARG A 269 -23.56 -10.22 -5.15
CA ARG A 269 -23.07 -9.21 -6.14
C ARG A 269 -24.19 -8.30 -6.60
N THR A 270 -25.46 -8.68 -6.46
CA THR A 270 -26.61 -7.86 -6.87
C THR A 270 -26.86 -6.71 -5.91
N ASP A 271 -26.20 -6.69 -4.76
CA ASP A 271 -26.39 -5.60 -3.78
C ASP A 271 -25.04 -5.01 -3.38
N LYS A 272 -24.69 -3.85 -3.89
CA LYS A 272 -23.33 -3.27 -3.70
C LYS A 272 -23.05 -3.06 -2.20
N ARG A 273 -24.06 -2.65 -1.45
N ARG A 273 -24.06 -2.64 -1.44
CA ARG A 273 -23.97 -2.46 0.01
CA ARG A 273 -23.95 -2.45 0.02
C ARG A 273 -23.60 -3.78 0.70
C ARG A 273 -23.59 -3.78 0.69
N ALA A 274 -24.20 -4.88 0.25
CA ALA A 274 -23.94 -6.22 0.79
C ALA A 274 -22.46 -6.56 0.56
N ILE A 275 -21.93 -6.29 -0.63
CA ILE A 275 -20.52 -6.56 -0.99
C ILE A 275 -19.60 -5.73 -0.10
N GLN A 276 -19.97 -4.49 0.19
CA GLN A 276 -19.10 -3.56 0.97
C GLN A 276 -19.02 -4.13 2.39
N LYS A 277 -20.13 -4.56 2.94
CA LYS A 277 -20.14 -5.10 4.32
C LYS A 277 -19.33 -6.40 4.38
N LEU A 278 -19.52 -7.31 3.42
CA LEU A 278 -18.77 -8.58 3.33
C LEU A 278 -17.28 -8.29 3.27
N ARG A 279 -16.83 -7.40 2.37
CA ARG A 279 -15.39 -7.12 2.16
C ARG A 279 -14.79 -6.69 3.49
N LYS A 280 -15.50 -5.86 4.25
CA LYS A 280 -14.98 -5.34 5.54
C LYS A 280 -14.79 -6.51 6.49
N GLU A 281 -15.76 -7.42 6.57
CA GLU A 281 -15.65 -8.56 7.53
C GLU A 281 -14.61 -9.56 7.01
N VAL A 282 -14.50 -9.73 5.68
CA VAL A 282 -13.51 -10.70 5.14
C VAL A 282 -12.10 -10.21 5.45
N GLU A 283 -11.82 -8.91 5.34
CA GLU A 283 -10.47 -8.38 5.63
C GLU A 283 -10.13 -8.59 7.13
N ILE A 284 -11.08 -8.36 8.04
CA ILE A 284 -10.88 -8.68 9.50
C ILE A 284 -10.63 -10.19 9.69
N ALA A 285 -11.45 -11.05 9.08
CA ALA A 285 -11.28 -12.52 9.19
C ALA A 285 -9.86 -12.89 8.76
N LYS A 286 -9.42 -12.36 7.62
CA LYS A 286 -8.07 -12.67 7.12
C LYS A 286 -7.01 -12.28 8.16
N ARG A 287 -7.12 -11.09 8.75
CA ARG A 287 -6.17 -10.66 9.80
C ARG A 287 -6.23 -11.66 10.97
N ASN A 288 -7.43 -12.07 11.39
CA ASN A 288 -7.57 -13.02 12.52
C ASN A 288 -6.78 -14.27 12.20
N LEU A 289 -6.87 -14.73 10.95
CA LEU A 289 -6.30 -16.01 10.54
C LEU A 289 -4.78 -15.95 10.40
N SER A 290 -4.17 -14.80 10.62
CA SER A 290 -2.69 -14.73 10.78
C SER A 290 -2.30 -15.13 12.22
N VAL A 291 -3.27 -15.21 13.13
CA VAL A 291 -3.02 -15.51 14.58
C VAL A 291 -3.78 -16.80 14.96
N VAL A 292 -5.06 -16.94 14.59
CA VAL A 292 -5.85 -18.16 14.89
C VAL A 292 -6.05 -19.01 13.65
N HIS A 293 -6.67 -20.17 13.84
CA HIS A 293 -6.87 -21.16 12.77
C HIS A 293 -8.29 -21.13 12.24
N SER A 294 -9.24 -20.58 12.99
N SER A 294 -9.24 -20.59 13.01
CA SER A 294 -10.66 -20.55 12.59
CA SER A 294 -10.69 -20.55 12.67
C SER A 294 -11.30 -19.27 13.10
C SER A 294 -11.29 -19.24 13.12
N THR A 295 -12.11 -18.62 12.27
CA THR A 295 -12.78 -17.35 12.63
C THR A 295 -14.17 -17.33 12.02
N GLN A 296 -15.08 -16.58 12.65
CA GLN A 296 -16.47 -16.41 12.19
C GLN A 296 -16.56 -15.11 11.38
N ILE A 297 -17.20 -15.18 10.22
CA ILE A 297 -17.57 -13.99 9.44
C ILE A 297 -19.07 -13.84 9.60
N GLU A 298 -19.51 -12.72 10.16
CA GLU A 298 -20.92 -12.53 10.56
C GLU A 298 -21.35 -11.13 10.15
N ILE A 299 -22.44 -11.04 9.38
CA ILE A 299 -23.15 -9.78 9.02
C ILE A 299 -24.65 -10.02 9.22
N GLU A 300 -25.29 -9.33 10.17
CA GLU A 300 -26.74 -9.40 10.39
C GLU A 300 -27.39 -8.74 9.20
N ASP A 301 -28.40 -9.36 8.61
CA ASP A 301 -29.18 -8.75 7.50
C ASP A 301 -28.23 -8.25 6.41
N ILE A 302 -27.36 -9.11 5.92
CA ILE A 302 -26.44 -8.70 4.84
C ILE A 302 -27.30 -8.21 3.69
N VAL A 303 -28.41 -8.88 3.46
CA VAL A 303 -29.61 -8.26 2.82
C VAL A 303 -30.78 -8.43 3.80
N GLU A 304 -31.87 -7.71 3.60
CA GLU A 304 -33.00 -7.73 4.58
C GLU A 304 -33.49 -9.18 4.76
N GLY A 305 -33.53 -9.65 6.01
CA GLY A 305 -34.05 -10.99 6.36
C GLY A 305 -33.08 -12.14 6.10
N HIS A 306 -31.82 -11.87 5.78
CA HIS A 306 -30.81 -12.93 5.50
C HIS A 306 -29.49 -12.54 6.16
N ASN A 307 -29.15 -13.25 7.23
CA ASN A 307 -27.87 -13.13 7.94
C ASN A 307 -26.81 -13.84 7.09
N PHE A 308 -25.60 -13.33 7.14
CA PHE A 308 -24.39 -14.03 6.68
C PHE A 308 -23.71 -14.55 7.94
N SER A 309 -23.45 -15.84 7.94
CA SER A 309 -22.73 -16.46 9.07
C SER A 309 -21.90 -17.62 8.56
N GLU A 310 -20.58 -17.47 8.51
CA GLU A 310 -19.68 -18.50 7.94
C GLU A 310 -18.42 -18.64 8.78
N THR A 311 -17.81 -19.79 8.71
CA THR A 311 -16.49 -20.06 9.29
C THR A 311 -15.49 -20.12 8.19
N LEU A 312 -14.35 -19.47 8.39
CA LEU A 312 -13.20 -19.57 7.49
C LEU A 312 -12.03 -20.10 8.32
N THR A 313 -11.37 -21.11 7.80
CA THR A 313 -10.15 -21.66 8.41
C THR A 313 -8.92 -21.06 7.72
N ARG A 314 -7.81 -21.11 8.42
CA ARG A 314 -6.52 -20.79 7.80
C ARG A 314 -6.30 -21.72 6.59
N ALA A 315 -6.60 -23.01 6.71
CA ALA A 315 -6.32 -23.99 5.63
C ALA A 315 -7.10 -23.58 4.39
N LYS A 316 -8.35 -23.16 4.55
CA LYS A 316 -9.17 -22.75 3.38
C LYS A 316 -8.70 -21.39 2.85
N PHE A 317 -8.38 -20.44 3.74
CA PHE A 317 -7.78 -19.14 3.35
C PHE A 317 -6.56 -19.41 2.45
N GLU A 318 -5.65 -20.30 2.87
CA GLU A 318 -4.40 -20.60 2.11
C GLU A 318 -4.75 -21.29 0.79
N GLU A 319 -5.68 -22.24 0.83
CA GLU A 319 -6.08 -22.99 -0.38
C GLU A 319 -6.63 -22.02 -1.41
N LEU A 320 -7.38 -21.01 -1.00
CA LEU A 320 -8.04 -20.08 -1.97
C LEU A 320 -7.01 -19.15 -2.63
N ASN A 321 -5.82 -19.00 -2.00
CA ASN A 321 -4.81 -17.98 -2.35
C ASN A 321 -3.41 -18.55 -2.68
N ASP A 322 -3.21 -19.87 -2.60
N ASP A 322 -3.27 -19.89 -2.63
CA ASP A 322 -1.83 -20.44 -2.59
CA ASP A 322 -1.95 -20.60 -2.73
C ASP A 322 -1.16 -20.16 -3.95
C ASP A 322 -1.20 -20.10 -3.95
N ASP A 323 -1.88 -20.10 -5.08
CA ASP A 323 -1.30 -19.67 -6.40
C ASP A 323 -0.79 -18.22 -6.35
N LEU A 324 -1.56 -17.29 -5.77
CA LEU A 324 -1.14 -15.88 -5.59
C LEU A 324 0.05 -15.80 -4.64
N PHE A 325 0.05 -16.56 -3.54
CA PHE A 325 1.21 -16.53 -2.65
C PHE A 325 2.46 -17.00 -3.44
N ARG A 326 2.35 -18.09 -4.17
CA ARG A 326 3.52 -18.65 -4.90
C ARG A 326 3.95 -17.72 -6.01
N GLU A 327 3.03 -16.92 -6.56
CA GLU A 327 3.39 -15.98 -7.63
C GLU A 327 4.40 -14.95 -7.13
N THR A 328 4.42 -14.69 -5.82
CA THR A 328 5.36 -13.68 -5.26
C THR A 328 6.79 -14.16 -5.47
N LEU A 329 7.04 -15.45 -5.67
CA LEU A 329 8.42 -15.97 -5.81
C LEU A 329 8.97 -15.67 -7.22
N GLU A 330 8.12 -15.35 -8.20
CA GLU A 330 8.59 -15.14 -9.60
C GLU A 330 9.44 -13.86 -9.63
N PRO A 331 8.97 -12.73 -9.05
CA PRO A 331 9.82 -11.55 -8.94
C PRO A 331 11.07 -11.74 -8.05
N VAL A 332 11.02 -12.62 -7.05
CA VAL A 332 12.23 -12.95 -6.25
C VAL A 332 13.27 -13.62 -7.17
N LYS A 333 12.89 -14.60 -7.95
CA LYS A 333 13.82 -15.27 -8.87
C LYS A 333 14.33 -14.26 -9.90
N LYS A 334 13.47 -13.33 -10.37
CA LYS A 334 13.88 -12.32 -11.35
C LYS A 334 14.98 -11.42 -10.76
N VAL A 335 14.81 -10.92 -9.54
CA VAL A 335 15.86 -9.98 -9.02
C VAL A 335 17.15 -10.74 -8.77
N LEU A 336 17.09 -11.99 -8.25
CA LEU A 336 18.31 -12.82 -8.09
C LEU A 336 19.00 -13.02 -9.44
N ASP A 337 18.24 -13.30 -10.50
CA ASP A 337 18.76 -13.45 -11.89
C ASP A 337 19.34 -12.13 -12.42
N ASP A 338 18.60 -11.00 -12.29
CA ASP A 338 19.06 -9.64 -12.71
C ASP A 338 20.41 -9.28 -12.06
N ALA A 339 20.62 -9.62 -10.79
CA ALA A 339 21.80 -9.20 -10.01
C ALA A 339 22.91 -10.25 -10.14
N LYS A 340 22.63 -11.38 -10.81
CA LYS A 340 23.52 -12.56 -10.91
C LYS A 340 23.88 -13.04 -9.51
N TYR A 341 22.87 -13.24 -8.69
CA TYR A 341 23.01 -13.63 -7.27
C TYR A 341 22.57 -15.09 -7.14
N GLU A 342 23.31 -15.87 -6.35
CA GLU A 342 22.88 -17.14 -5.74
C GLU A 342 21.97 -16.78 -4.58
N LYS A 343 21.05 -17.67 -4.20
CA LYS A 343 20.17 -17.41 -3.04
C LYS A 343 21.07 -17.15 -1.84
N SER A 344 22.20 -17.88 -1.72
CA SER A 344 23.10 -17.82 -0.54
C SER A 344 23.68 -16.40 -0.36
N LYS A 345 23.79 -15.64 -1.44
CA LYS A 345 24.41 -14.28 -1.51
C LYS A 345 23.57 -13.33 -0.65
N ILE A 346 22.27 -13.59 -0.53
CA ILE A 346 21.42 -12.76 0.35
C ILE A 346 21.79 -13.04 1.80
N ASP A 347 22.10 -11.98 2.56
CA ASP A 347 22.53 -12.02 3.97
C ASP A 347 21.31 -11.98 4.90
N GLU A 348 20.29 -11.19 4.56
CA GLU A 348 19.12 -11.02 5.46
C GLU A 348 17.90 -10.72 4.57
N ILE A 349 16.72 -11.15 5.01
CA ILE A 349 15.43 -10.93 4.31
C ILE A 349 14.58 -10.07 5.20
N VAL A 350 14.14 -8.97 4.67
CA VAL A 350 13.33 -8.04 5.45
C VAL A 350 11.97 -8.00 4.75
N LEU A 351 10.92 -8.29 5.50
CA LEU A 351 9.49 -8.20 5.09
C LEU A 351 8.94 -6.87 5.53
N VAL A 352 8.23 -6.22 4.61
CA VAL A 352 7.50 -4.95 4.75
C VAL A 352 6.11 -5.21 4.16
N GLY A 353 5.15 -4.45 4.62
CA GLY A 353 3.75 -4.51 4.23
C GLY A 353 3.00 -5.42 5.14
N GLY A 354 1.79 -5.04 5.48
CA GLY A 354 0.87 -5.77 6.37
C GLY A 354 0.67 -7.22 5.97
N SER A 355 0.74 -7.51 4.67
CA SER A 355 0.39 -8.85 4.14
C SER A 355 1.50 -9.85 4.48
N THR A 356 2.70 -9.38 4.88
CA THR A 356 3.78 -10.31 5.27
C THR A 356 3.50 -10.96 6.62
N ARG A 357 2.46 -10.53 7.31
CA ARG A 357 1.97 -11.17 8.57
C ARG A 357 1.32 -12.53 8.28
N ILE A 358 0.94 -12.79 7.03
CA ILE A 358 0.31 -14.09 6.68
C ILE A 358 1.36 -15.16 6.92
N PRO A 359 1.11 -16.16 7.80
CA PRO A 359 2.10 -17.20 8.06
C PRO A 359 2.62 -17.97 6.85
N LYS A 360 1.73 -18.24 5.88
CA LYS A 360 2.10 -19.00 4.69
C LYS A 360 3.10 -18.20 3.84
N ILE A 361 2.97 -16.88 3.83
CA ILE A 361 3.90 -16.00 3.04
C ILE A 361 5.32 -16.21 3.62
N GLN A 362 5.42 -16.11 4.92
CA GLN A 362 6.70 -16.26 5.63
C GLN A 362 7.30 -17.63 5.37
N GLN A 363 6.48 -18.68 5.38
CA GLN A 363 6.89 -20.10 5.17
C GLN A 363 7.45 -20.26 3.78
N ILE A 364 6.70 -19.79 2.78
CA ILE A 364 7.09 -19.88 1.37
C ILE A 364 8.46 -19.20 1.16
N ILE A 365 8.70 -18.03 1.73
CA ILE A 365 9.96 -17.26 1.53
C ILE A 365 11.12 -18.06 2.20
N LYS A 366 10.96 -18.43 3.47
CA LYS A 366 11.89 -19.34 4.22
C LYS A 366 12.27 -20.55 3.37
N GLU A 367 11.31 -21.26 2.79
CA GLU A 367 11.58 -22.50 2.03
C GLU A 367 12.28 -22.18 0.70
N PHE A 368 12.00 -21.05 0.06
CA PHE A 368 12.64 -20.69 -1.23
C PHE A 368 14.15 -20.49 -1.03
N PHE A 369 14.48 -19.96 0.12
CA PHE A 369 15.84 -19.58 0.59
C PHE A 369 16.38 -20.78 1.38
N ASN A 370 16.00 -21.98 0.91
CA ASN A 370 16.60 -23.29 1.28
C ASN A 370 16.76 -23.26 2.79
N GLY A 371 15.74 -22.73 3.47
CA GLY A 371 15.52 -22.94 4.91
C GLY A 371 15.87 -21.73 5.73
N LYS A 372 16.38 -20.68 5.10
CA LYS A 372 16.87 -19.47 5.83
C LYS A 372 15.71 -18.63 6.35
N GLU A 373 15.79 -18.08 7.57
CA GLU A 373 14.63 -17.41 8.19
C GLU A 373 14.57 -15.98 7.72
N PRO A 374 13.38 -15.42 7.29
CA PRO A 374 13.18 -13.98 7.07
C PRO A 374 13.18 -13.19 8.37
N ASN A 375 13.73 -11.97 8.36
CA ASN A 375 13.47 -10.97 9.43
C ASN A 375 12.14 -10.35 9.08
N ARG A 376 11.25 -10.23 10.04
CA ARG A 376 10.03 -9.43 9.92
C ARG A 376 10.01 -8.56 11.13
N GLY A 377 9.41 -7.38 10.99
CA GLY A 377 9.11 -6.43 12.06
C GLY A 377 7.89 -6.91 12.76
N ILE A 378 7.31 -6.06 13.65
CA ILE A 378 5.98 -6.27 14.28
C ILE A 378 4.95 -5.25 13.77
N ASN A 379 5.36 -4.12 13.16
CA ASN A 379 4.42 -3.18 12.48
C ASN A 379 4.90 -2.97 11.05
N PRO A 380 4.81 -4.01 10.21
CA PRO A 380 5.43 -4.01 8.90
C PRO A 380 4.72 -3.05 7.95
N ASP A 381 3.48 -2.67 8.25
CA ASP A 381 2.73 -1.66 7.43
C ASP A 381 3.29 -0.25 7.69
N GLU A 382 3.97 -0.02 8.82
CA GLU A 382 4.50 1.31 9.20
C GLU A 382 6.03 1.42 9.02
N ALA A 383 6.73 0.34 8.72
CA ALA A 383 8.21 0.30 8.66
C ALA A 383 8.73 1.34 7.67
N VAL A 384 8.17 1.44 6.49
CA VAL A 384 8.64 2.47 5.49
C VAL A 384 8.47 3.89 6.01
N ALA A 385 7.32 4.27 6.54
CA ALA A 385 7.15 5.60 7.14
C ALA A 385 8.19 5.79 8.25
N TYR A 386 8.35 4.76 9.08
CA TYR A 386 9.33 4.84 10.19
C TYR A 386 10.71 5.19 9.64
N GLY A 387 11.13 4.52 8.57
CA GLY A 387 12.47 4.78 8.02
C GLY A 387 12.55 6.14 7.36
N ALA A 388 11.46 6.62 6.78
CA ALA A 388 11.42 7.99 6.24
C ALA A 388 11.65 9.02 7.37
N ALA A 389 11.02 8.80 8.52
CA ALA A 389 11.20 9.67 9.71
C ALA A 389 12.65 9.61 10.20
N ILE A 390 13.25 8.42 10.17
N ILE A 390 13.25 8.42 10.18
CA ILE A 390 14.68 8.26 10.56
CA ILE A 390 14.69 8.29 10.55
C ILE A 390 15.55 9.10 9.58
C ILE A 390 15.50 9.16 9.59
N GLN A 391 15.30 9.00 8.28
CA GLN A 391 15.99 9.81 7.26
C GLN A 391 15.85 11.30 7.54
N ALA A 392 14.66 11.78 7.92
CA ALA A 392 14.43 13.19 8.33
C ALA A 392 15.39 13.55 9.50
N GLY A 393 15.47 12.65 10.49
CA GLY A 393 16.33 12.85 11.68
C GLY A 393 17.77 12.91 11.26
N ILE A 394 18.16 12.08 10.31
CA ILE A 394 19.56 11.99 9.86
C ILE A 394 19.89 13.31 9.19
N ILE A 395 19.01 13.79 8.31
CA ILE A 395 19.23 15.07 7.55
C ILE A 395 19.37 16.23 8.52
N LEU A 396 18.58 16.28 9.59
CA LEU A 396 18.69 17.41 10.57
C LEU A 396 19.95 17.33 11.46
N GLY A 397 20.55 16.16 11.71
CA GLY A 397 21.73 16.07 12.62
C GLY A 397 21.36 16.39 14.06
CS MTA B . -0.85 -0.93 4.19
S5' MTA B . -0.60 -2.73 4.20
C5' MTA B . -2.32 -3.16 4.60
C4' MTA B . -2.41 -4.57 3.84
O4' MTA B . -1.88 -5.57 4.71
C2' MTA B . -4.21 -5.65 4.96
O2' MTA B . -5.25 -6.57 4.87
C3' MTA B . -3.92 -4.94 3.61
O3' MTA B . -4.21 -5.82 2.55
C1' MTA B . -2.88 -6.47 5.10
N9 MTA B . -2.65 -6.93 6.49
C8 MTA B . -2.42 -6.15 7.67
N7 MTA B . -2.38 -6.96 8.71
C5 MTA B . -2.61 -8.19 8.29
C6 MTA B . -2.76 -9.40 8.95
N6 MTA B . -2.73 -9.48 10.38
N1 MTA B . -2.88 -10.53 8.23
C2 MTA B . -2.95 -10.39 6.92
N3 MTA B . -2.90 -9.30 6.17
C4 MTA B . -2.74 -8.23 6.89
S SO4 C . 0.30 -0.92 -1.06
O1 SO4 C . 0.18 0.48 -1.41
O2 SO4 C . 1.59 -1.12 -0.59
O3 SO4 C . -0.64 -1.19 0.00
O4 SO4 C . 0.07 -1.80 -2.16
S SO4 D . -26.28 -22.83 7.07
O1 SO4 D . -27.45 -21.98 6.85
O2 SO4 D . -25.11 -21.99 7.10
O3 SO4 D . -26.41 -23.55 8.34
O4 SO4 D . -26.20 -23.78 6.01
#